data_1G93
#
_entry.id   1G93
#
_cell.length_a   95.608
_cell.length_b   95.608
_cell.length_c   110.725
_cell.angle_alpha   90.00
_cell.angle_beta   90.00
_cell.angle_gamma   90.00
#
_symmetry.space_group_name_H-M   'P 41 21 2'
#
loop_
_entity.id
_entity.type
_entity.pdbx_description
1 polymer 'N-ACETYLLACTOSAMINIDE ALPHA-1,3-GALACTOSYLTRANSFERASE'
2 non-polymer beta-D-galactopyranose
3 non-polymer 'MANGANESE (II) ION'
4 non-polymer 'MERCURY (II) ION'
5 non-polymer "URIDINE-5'-DIPHOSPHATE-GLUCOSE"
6 water water
#
_entity_poly.entity_id   1
_entity_poly.type   'polypeptide(L)'
_entity_poly.pdbx_seq_one_letter_code
;MGSSHHHHHHSSGLVPRGSHMESKLKLSDWFNPFKRPEVVTMTKWKAPVVWEGTYNRAVLDNYYAKQKITVGLTVFAVGR
YIEHYLEEFLTSANKHFMVGHPVIFYIMVDDVSRMPLIELGPLRSFKVFKIKPEKRWQDISMMRMKTIGEHIVAHIQHEV
DFLFCMDVDQVFQDKFGVETLGESVAQLQAWWYKADPNDFTYERRKESAAYIPFGEGDFYYHAAIFGGTPTQVLNITQEC
FKGILKDKKNDIEAQWHDESHLNKYFLLNKPTKILSPEYCWDYHIGLPADIKLVKMSWQTKEYNVVRNNV
;
_entity_poly.pdbx_strand_id   A
#
loop_
_chem_comp.id
_chem_comp.type
_chem_comp.name
_chem_comp.formula
GAL D-saccharide, beta linking beta-D-galactopyranose 'C6 H12 O6'
HG non-polymer 'MERCURY (II) ION' 'Hg 2'
MN non-polymer 'MANGANESE (II) ION' 'Mn 2'
UPG non-polymer URIDINE-5'-DIPHOSPHATE-GLUCOSE 'C15 H24 N2 O17 P2'
#
# COMPACT_ATOMS: atom_id res chain seq x y z
N LYS A 24 13.46 -10.73 -17.71
CA LYS A 24 12.91 -11.92 -18.46
C LYS A 24 11.64 -12.56 -17.89
N LEU A 25 10.63 -11.74 -17.54
CA LEU A 25 9.34 -12.25 -17.04
C LEU A 25 8.24 -11.49 -17.79
N LYS A 26 7.28 -12.22 -18.35
CA LYS A 26 6.21 -11.59 -19.13
C LYS A 26 4.81 -11.81 -18.55
N LEU A 27 3.95 -10.80 -18.74
CA LEU A 27 2.58 -10.86 -18.23
C LEU A 27 1.86 -12.18 -18.43
N SER A 28 1.79 -12.63 -19.68
CA SER A 28 1.10 -13.89 -20.01
C SER A 28 1.72 -15.08 -19.28
N ASP A 29 2.88 -14.85 -18.64
CA ASP A 29 3.56 -15.92 -17.90
C ASP A 29 2.79 -16.22 -16.63
N TRP A 30 2.33 -15.17 -15.93
CA TRP A 30 1.61 -15.35 -14.65
C TRP A 30 0.19 -14.82 -14.53
N PHE A 31 -0.21 -14.03 -15.52
CA PHE A 31 -1.52 -13.41 -15.49
C PHE A 31 -2.51 -13.78 -16.60
N ASN A 32 -3.68 -14.28 -16.19
CA ASN A 32 -4.74 -14.64 -17.14
C ASN A 32 -6.03 -13.87 -16.75
N PRO A 33 -6.29 -12.76 -17.43
CA PRO A 33 -7.47 -11.92 -17.19
C PRO A 33 -8.80 -12.64 -17.31
N PHE A 34 -8.92 -13.44 -18.37
CA PHE A 34 -10.13 -14.18 -18.67
C PHE A 34 -10.62 -15.06 -17.53
N LYS A 35 -9.79 -15.19 -16.48
CA LYS A 35 -10.19 -16.00 -15.33
C LYS A 35 -11.26 -15.20 -14.60
N ARG A 36 -11.29 -13.92 -14.92
CA ARG A 36 -12.26 -12.99 -14.36
C ARG A 36 -12.56 -11.94 -15.42
N PRO A 37 -13.60 -12.18 -16.25
CA PRO A 37 -14.04 -11.30 -17.34
C PRO A 37 -15.00 -10.19 -16.85
N GLU A 38 -15.77 -10.54 -15.82
CA GLU A 38 -16.77 -9.69 -15.18
C GLU A 38 -16.25 -8.40 -14.49
N VAL A 39 -14.98 -8.39 -14.07
CA VAL A 39 -14.33 -7.24 -13.41
C VAL A 39 -13.22 -6.64 -14.28
N VAL A 40 -12.76 -5.45 -13.94
CA VAL A 40 -11.69 -4.86 -14.74
C VAL A 40 -10.29 -5.39 -14.35
N THR A 41 -9.69 -6.12 -15.30
CA THR A 41 -8.39 -6.77 -15.17
C THR A 41 -7.21 -6.09 -15.88
N MET A 42 -7.48 -5.08 -16.70
CA MET A 42 -6.41 -4.38 -17.39
C MET A 42 -6.77 -2.89 -17.46
N THR A 43 -5.79 -2.03 -17.69
CA THR A 43 -6.12 -0.62 -17.73
C THR A 43 -5.77 0.01 -19.06
N LYS A 44 -6.41 1.12 -19.34
CA LYS A 44 -6.18 1.79 -20.59
C LYS A 44 -4.69 1.90 -20.82
N TRP A 45 -3.88 1.80 -19.77
CA TRP A 45 -2.43 1.92 -19.97
C TRP A 45 -1.62 0.61 -19.89
N LYS A 46 -2.29 -0.51 -20.11
CA LYS A 46 -1.64 -1.83 -20.14
C LYS A 46 -1.23 -2.40 -18.80
N ALA A 47 -1.61 -1.73 -17.71
CA ALA A 47 -1.28 -2.20 -16.37
C ALA A 47 -2.36 -3.20 -15.89
N PRO A 48 -1.92 -4.29 -15.29
CA PRO A 48 -2.86 -5.30 -14.81
C PRO A 48 -3.47 -4.95 -13.51
N VAL A 49 -4.61 -5.56 -13.21
CA VAL A 49 -5.31 -5.35 -11.95
C VAL A 49 -5.50 -6.75 -11.39
N VAL A 50 -4.81 -7.05 -10.31
CA VAL A 50 -4.88 -8.39 -9.78
C VAL A 50 -6.07 -8.81 -8.98
N TRP A 51 -6.75 -9.85 -9.46
CA TRP A 51 -7.92 -10.35 -8.76
C TRP A 51 -7.74 -11.81 -8.44
N GLU A 52 -8.41 -12.29 -7.40
CA GLU A 52 -8.27 -13.70 -7.08
C GLU A 52 -8.52 -14.48 -8.36
N GLY A 53 -7.83 -15.61 -8.50
CA GLY A 53 -8.00 -16.48 -9.66
C GLY A 53 -7.31 -16.04 -10.94
N THR A 54 -6.89 -14.79 -11.01
CA THR A 54 -6.23 -14.35 -12.22
C THR A 54 -4.71 -14.59 -12.21
N TYR A 55 -4.17 -15.08 -11.08
CA TYR A 55 -2.72 -15.18 -11.00
C TYR A 55 -2.12 -16.53 -10.64
N ASN A 56 -0.87 -16.71 -11.08
CA ASN A 56 -0.12 -17.96 -10.79
C ASN A 56 1.01 -17.67 -9.83
N ARG A 57 0.75 -17.90 -8.55
CA ARG A 57 1.76 -17.61 -7.55
C ARG A 57 2.92 -18.55 -7.70
N ALA A 58 2.59 -19.84 -7.85
CA ALA A 58 3.59 -20.87 -8.00
C ALA A 58 4.64 -20.44 -8.99
N VAL A 59 4.24 -20.04 -10.20
CA VAL A 59 5.30 -19.65 -11.12
C VAL A 59 6.09 -18.46 -10.61
N LEU A 60 5.40 -17.46 -10.08
CA LEU A 60 6.10 -16.28 -9.61
C LEU A 60 6.97 -16.60 -8.37
N ASP A 61 6.45 -17.42 -7.46
CA ASP A 61 7.23 -17.78 -6.28
C ASP A 61 8.59 -18.27 -6.76
N ASN A 62 8.52 -19.23 -7.67
CA ASN A 62 9.68 -19.84 -8.27
C ASN A 62 10.57 -18.81 -8.97
N TYR A 63 9.96 -17.97 -9.79
CA TYR A 63 10.73 -16.95 -10.48
C TYR A 63 11.46 -16.01 -9.53
N TYR A 64 10.76 -15.48 -8.53
CA TYR A 64 11.37 -14.54 -7.58
C TYR A 64 12.34 -15.15 -6.58
N ALA A 65 12.06 -16.36 -6.10
CA ALA A 65 13.01 -17.00 -5.19
C ALA A 65 14.37 -17.15 -5.91
N LYS A 66 14.35 -17.52 -7.19
CA LYS A 66 15.61 -17.65 -7.90
C LYS A 66 16.39 -16.36 -7.83
N GLN A 67 15.70 -15.24 -8.00
CA GLN A 67 16.35 -13.94 -7.95
C GLN A 67 16.73 -13.47 -6.57
N LYS A 68 16.44 -14.29 -5.55
CA LYS A 68 16.78 -13.95 -4.18
C LYS A 68 16.22 -12.58 -3.87
N ILE A 69 14.97 -12.38 -4.25
CA ILE A 69 14.30 -11.11 -4.02
C ILE A 69 13.95 -10.97 -2.54
N THR A 70 13.97 -9.74 -2.03
CA THR A 70 13.56 -9.54 -0.64
C THR A 70 12.67 -8.31 -0.58
N VAL A 71 11.60 -8.46 0.20
CA VAL A 71 10.57 -7.44 0.35
C VAL A 71 10.45 -6.79 1.72
N GLY A 72 10.38 -5.46 1.70
CA GLY A 72 10.23 -4.70 2.92
C GLY A 72 8.79 -4.23 3.13
N LEU A 73 8.41 -4.07 4.40
CA LEU A 73 7.08 -3.62 4.80
C LEU A 73 7.26 -2.60 5.94
N THR A 74 6.89 -1.35 5.70
CA THR A 74 6.99 -0.35 6.75
C THR A 74 5.56 -0.22 7.28
N VAL A 75 5.44 0.07 8.55
CA VAL A 75 4.16 0.22 9.21
C VAL A 75 4.43 1.16 10.38
N PHE A 76 3.51 2.10 10.61
CA PHE A 76 3.65 3.08 11.69
C PHE A 76 2.60 2.87 12.76
N ALA A 77 2.98 3.17 13.99
CA ALA A 77 2.05 3.03 15.08
C ALA A 77 2.54 3.88 16.23
N VAL A 78 1.78 4.96 16.46
CA VAL A 78 2.04 5.88 17.56
C VAL A 78 0.77 5.95 18.41
N GLY A 79 0.95 6.09 19.72
CA GLY A 79 -0.16 6.19 20.65
C GLY A 79 -0.94 4.91 20.88
N ARG A 80 -2.27 5.05 20.99
CA ARG A 80 -3.16 3.92 21.21
C ARG A 80 -3.09 2.86 20.10
N TYR A 81 -2.83 3.29 18.88
CA TYR A 81 -2.75 2.33 17.78
C TYR A 81 -1.72 1.22 18.07
N ILE A 82 -0.69 1.52 18.86
CA ILE A 82 0.28 0.47 19.18
C ILE A 82 -0.39 -0.76 19.81
N GLU A 83 -1.07 -0.62 20.96
CA GLU A 83 -1.70 -1.80 21.56
C GLU A 83 -2.95 -2.28 20.88
N HIS A 84 -3.62 -1.43 20.12
CA HIS A 84 -4.84 -1.88 19.46
C HIS A 84 -4.58 -2.66 18.15
N TYR A 85 -3.49 -2.34 17.46
CA TYR A 85 -3.24 -2.97 16.18
C TYR A 85 -1.88 -3.57 15.79
N LEU A 86 -0.79 -3.07 16.36
CA LEU A 86 0.54 -3.55 15.98
C LEU A 86 0.73 -5.06 15.97
N GLU A 87 0.37 -5.68 17.10
CA GLU A 87 0.56 -7.08 17.21
C GLU A 87 -0.26 -7.91 16.25
N GLU A 88 -1.50 -7.50 16.04
CA GLU A 88 -2.35 -8.27 15.17
C GLU A 88 -1.84 -8.09 13.77
N PHE A 89 -1.33 -6.90 13.48
CA PHE A 89 -0.76 -6.61 12.18
C PHE A 89 0.46 -7.51 11.91
N LEU A 90 1.42 -7.46 12.84
CA LEU A 90 2.63 -8.25 12.70
C LEU A 90 2.34 -9.76 12.65
N THR A 91 1.45 -10.24 13.50
CA THR A 91 1.12 -11.66 13.51
C THR A 91 0.51 -12.08 12.19
N SER A 92 -0.40 -11.28 11.66
CA SER A 92 -0.99 -11.73 10.43
C SER A 92 0.01 -11.60 9.26
N ALA A 93 0.80 -10.54 9.27
CA ALA A 93 1.79 -10.35 8.24
C ALA A 93 2.80 -11.51 8.25
N ASN A 94 3.21 -11.91 9.44
CA ASN A 94 4.19 -12.96 9.58
C ASN A 94 3.71 -14.19 8.85
N LYS A 95 2.45 -14.53 9.08
CA LYS A 95 1.83 -15.69 8.49
C LYS A 95 1.44 -15.60 7.04
N HIS A 96 1.14 -14.42 6.52
CA HIS A 96 0.66 -14.29 5.12
C HIS A 96 1.36 -13.45 4.09
N PHE A 97 2.31 -12.61 4.51
CA PHE A 97 2.96 -11.68 3.58
C PHE A 97 4.22 -12.19 2.90
N MET A 98 4.16 -12.36 1.58
CA MET A 98 5.31 -12.84 0.82
C MET A 98 5.91 -14.11 1.45
N VAL A 99 5.05 -15.03 1.90
CA VAL A 99 5.52 -16.26 2.50
C VAL A 99 6.55 -16.94 1.59
N GLY A 100 7.62 -17.48 2.19
CA GLY A 100 8.64 -18.11 1.37
C GLY A 100 9.71 -17.19 0.78
N HIS A 101 9.66 -15.90 1.08
CA HIS A 101 10.68 -14.96 0.61
C HIS A 101 11.18 -14.14 1.76
N PRO A 102 12.42 -13.70 1.69
CA PRO A 102 12.96 -12.88 2.78
C PRO A 102 12.15 -11.57 2.89
N VAL A 103 11.66 -11.25 4.10
CA VAL A 103 10.95 -9.99 4.32
C VAL A 103 11.43 -9.33 5.60
N ILE A 104 11.55 -8.03 5.51
CA ILE A 104 12.00 -7.26 6.61
C ILE A 104 10.82 -6.32 7.00
N PHE A 105 10.42 -6.40 8.26
CA PHE A 105 9.37 -5.51 8.76
C PHE A 105 10.03 -4.24 9.34
N TYR A 106 9.66 -3.08 8.82
CA TYR A 106 10.18 -1.79 9.37
C TYR A 106 9.09 -1.17 10.27
N ILE A 107 9.29 -1.22 11.59
CA ILE A 107 8.31 -0.75 12.55
C ILE A 107 8.67 0.62 13.11
N MET A 108 7.83 1.62 12.82
CA MET A 108 8.05 2.98 13.33
C MET A 108 7.10 3.23 14.52
N VAL A 109 7.63 3.41 15.74
CA VAL A 109 6.77 3.71 16.91
C VAL A 109 7.27 4.97 17.65
N ASP A 110 6.43 5.50 18.53
CA ASP A 110 6.81 6.69 19.30
C ASP A 110 7.39 6.26 20.64
N ASP A 111 6.88 5.13 21.14
CA ASP A 111 7.33 4.58 22.38
C ASP A 111 7.66 3.07 22.23
N VAL A 112 8.93 2.76 22.05
CA VAL A 112 9.37 1.37 21.86
C VAL A 112 9.13 0.46 23.05
N SER A 113 9.04 1.01 24.25
CA SER A 113 8.83 0.14 25.40
C SER A 113 7.46 -0.52 25.37
N ARG A 114 6.58 0.02 24.54
CA ARG A 114 5.23 -0.50 24.41
C ARG A 114 5.09 -1.39 23.19
N MET A 115 6.21 -1.57 22.51
CA MET A 115 6.26 -2.36 21.29
C MET A 115 6.01 -3.84 21.55
N PRO A 116 4.94 -4.42 20.99
CA PRO A 116 4.74 -5.85 21.26
C PRO A 116 5.79 -6.67 20.49
N LEU A 117 6.38 -7.69 21.11
CA LEU A 117 7.37 -8.49 20.41
C LEU A 117 6.82 -9.87 20.09
N ILE A 118 6.38 -10.08 18.87
CA ILE A 118 5.84 -11.39 18.55
C ILE A 118 6.92 -12.32 18.04
N GLU A 119 6.60 -13.60 17.94
CA GLU A 119 7.57 -14.53 17.42
C GLU A 119 7.46 -14.66 15.90
N LEU A 120 8.55 -14.28 15.23
CA LEU A 120 8.62 -14.33 13.79
C LEU A 120 8.99 -15.70 13.27
N GLY A 121 8.52 -16.03 12.09
CA GLY A 121 8.82 -17.33 11.51
C GLY A 121 9.93 -17.28 10.45
N PRO A 122 10.10 -18.38 9.69
CA PRO A 122 11.12 -18.50 8.63
C PRO A 122 11.05 -17.34 7.67
N LEU A 123 12.22 -16.80 7.32
CA LEU A 123 12.39 -15.70 6.39
C LEU A 123 11.85 -14.32 6.78
N ARG A 124 11.59 -14.11 8.06
CA ARG A 124 11.14 -12.77 8.51
C ARG A 124 12.11 -12.24 9.52
N SER A 125 12.42 -10.95 9.46
CA SER A 125 13.27 -10.36 10.48
C SER A 125 12.70 -8.95 10.59
N PHE A 126 13.11 -8.14 11.58
CA PHE A 126 12.59 -6.78 11.66
C PHE A 126 13.57 -5.79 12.25
N LYS A 127 13.13 -4.54 12.29
CA LYS A 127 13.87 -3.40 12.81
C LYS A 127 12.82 -2.45 13.38
N VAL A 128 13.10 -1.90 14.55
CA VAL A 128 12.21 -0.93 15.16
C VAL A 128 12.94 0.39 15.17
N PHE A 129 12.15 1.45 15.07
CA PHE A 129 12.64 2.82 15.07
C PHE A 129 11.72 3.66 15.93
N LYS A 130 12.29 4.60 16.67
CA LYS A 130 11.49 5.47 17.51
C LYS A 130 11.26 6.77 16.78
N ILE A 131 10.01 7.13 16.56
CA ILE A 131 9.72 8.38 15.88
C ILE A 131 9.08 9.41 16.84
N LYS A 132 9.13 10.70 16.49
CA LYS A 132 8.53 11.76 17.30
C LYS A 132 7.04 11.79 16.98
N PRO A 133 6.17 11.66 18.01
CA PRO A 133 4.72 11.65 17.85
C PRO A 133 4.08 13.01 17.62
N GLU A 134 3.49 13.17 16.44
CA GLU A 134 2.80 14.40 16.08
C GLU A 134 1.53 14.52 16.91
N LYS A 135 1.10 15.77 17.15
CA LYS A 135 -0.08 16.08 17.97
C LYS A 135 -1.41 15.69 17.33
N ARG A 136 -1.58 16.01 16.05
CA ARG A 136 -2.81 15.67 15.33
C ARG A 136 -2.61 14.34 14.56
N TRP A 137 -3.55 13.40 14.68
CA TRP A 137 -3.41 12.12 13.98
C TRP A 137 -3.21 12.34 12.48
N GLN A 138 -3.94 13.31 11.92
CA GLN A 138 -3.88 13.65 10.50
C GLN A 138 -2.45 13.95 10.05
N ASP A 139 -1.65 14.48 10.98
CA ASP A 139 -0.26 14.79 10.68
C ASP A 139 0.63 13.56 10.91
N ILE A 140 0.21 12.69 11.83
CA ILE A 140 0.91 11.44 12.12
C ILE A 140 0.90 10.67 10.79
N SER A 141 -0.29 10.58 10.22
CA SER A 141 -0.54 9.90 8.98
C SER A 141 0.18 10.52 7.78
N MET A 142 0.29 11.84 7.79
CA MET A 142 0.92 12.54 6.69
C MET A 142 2.43 12.60 6.82
N MET A 143 2.92 12.73 8.05
CA MET A 143 4.37 12.79 8.29
C MET A 143 5.05 11.48 7.90
N ARG A 144 4.23 10.45 7.72
CA ARG A 144 4.76 9.18 7.30
C ARG A 144 5.49 9.37 5.96
N MET A 145 4.88 10.13 5.05
CA MET A 145 5.49 10.36 3.76
C MET A 145 6.94 10.84 3.88
N LYS A 146 7.21 11.70 4.84
CA LYS A 146 8.55 12.21 5.00
C LYS A 146 9.48 11.17 5.65
N THR A 147 9.01 10.54 6.71
CA THR A 147 9.81 9.53 7.40
C THR A 147 10.24 8.36 6.46
N ILE A 148 9.25 7.78 5.78
CA ILE A 148 9.49 6.69 4.87
C ILE A 148 10.61 7.06 3.92
N GLY A 149 10.52 8.26 3.37
CA GLY A 149 11.50 8.71 2.42
C GLY A 149 12.86 8.78 3.03
N GLU A 150 12.94 9.27 4.25
CA GLU A 150 14.22 9.37 4.92
C GLU A 150 14.84 7.96 5.08
N HIS A 151 14.01 6.99 5.46
CA HIS A 151 14.50 5.64 5.66
C HIS A 151 14.85 4.95 4.37
N ILE A 152 14.19 5.31 3.27
CA ILE A 152 14.56 4.67 2.02
C ILE A 152 15.98 5.13 1.65
N VAL A 153 16.21 6.44 1.69
CA VAL A 153 17.53 6.95 1.35
C VAL A 153 18.60 6.46 2.31
N ALA A 154 18.27 6.32 3.58
CA ALA A 154 19.23 5.86 4.57
C ALA A 154 19.55 4.37 4.53
N HIS A 155 18.57 3.48 4.33
CA HIS A 155 18.88 2.04 4.33
C HIS A 155 17.94 1.10 3.52
N ILE A 156 16.65 1.41 3.48
CA ILE A 156 15.77 0.52 2.73
C ILE A 156 16.16 0.38 1.26
N GLN A 157 16.72 1.44 0.68
CA GLN A 157 17.16 1.41 -0.72
C GLN A 157 18.14 0.23 -0.91
N HIS A 158 19.04 0.04 0.06
CA HIS A 158 20.03 -1.04 0.01
C HIS A 158 19.64 -2.39 0.56
N GLU A 159 18.50 -2.47 1.24
CA GLU A 159 18.12 -3.73 1.84
C GLU A 159 17.05 -4.52 1.14
N VAL A 160 16.29 -3.91 0.24
CA VAL A 160 15.22 -4.65 -0.40
C VAL A 160 15.00 -4.32 -1.86
N ASP A 161 14.28 -5.21 -2.54
CA ASP A 161 14.00 -5.04 -3.96
C ASP A 161 12.64 -4.38 -4.15
N PHE A 162 11.73 -4.70 -3.25
CA PHE A 162 10.41 -4.15 -3.30
C PHE A 162 10.01 -3.77 -1.90
N LEU A 163 9.29 -2.65 -1.82
CA LEU A 163 8.84 -2.10 -0.55
C LEU A 163 7.36 -1.80 -0.48
N PHE A 164 6.69 -2.27 0.57
CA PHE A 164 5.28 -1.92 0.74
C PHE A 164 5.13 -1.05 2.01
N CYS A 165 4.21 -0.07 1.93
CA CYS A 165 3.92 0.86 3.03
C CYS A 165 2.49 0.67 3.41
N MET A 166 2.23 0.15 4.59
CA MET A 166 0.86 -0.11 4.92
C MET A 166 0.43 0.65 6.16
N ASP A 167 -0.90 0.64 6.40
CA ASP A 167 -1.57 1.26 7.55
C ASP A 167 -1.57 0.18 8.63
N VAL A 168 -1.36 0.55 9.89
CA VAL A 168 -1.30 -0.49 10.92
C VAL A 168 -2.64 -1.16 11.23
N ASP A 169 -3.69 -0.37 11.27
CA ASP A 169 -5.02 -0.87 11.57
C ASP A 169 -5.58 -1.73 10.43
N GLN A 170 -4.83 -2.77 10.07
CA GLN A 170 -5.23 -3.69 9.02
C GLN A 170 -4.90 -5.08 9.52
N VAL A 171 -5.25 -6.08 8.73
CA VAL A 171 -4.99 -7.45 9.09
C VAL A 171 -4.97 -8.36 7.89
N PHE A 172 -3.91 -9.14 7.77
CA PHE A 172 -3.81 -10.07 6.66
C PHE A 172 -4.73 -11.27 6.94
N GLN A 173 -5.50 -11.64 5.93
CA GLN A 173 -6.47 -12.73 6.07
C GLN A 173 -6.04 -14.01 5.36
N ASP A 174 -5.39 -13.84 4.21
CA ASP A 174 -4.90 -14.92 3.40
C ASP A 174 -3.64 -14.42 2.68
N LYS A 175 -3.01 -15.31 1.91
CA LYS A 175 -1.80 -15.01 1.19
C LYS A 175 -1.72 -13.70 0.41
N PHE A 176 -0.78 -12.84 0.81
CA PHE A 176 -0.56 -11.58 0.13
C PHE A 176 0.82 -11.81 -0.46
N GLY A 177 0.84 -12.49 -1.62
CA GLY A 177 2.10 -12.87 -2.22
C GLY A 177 2.81 -12.04 -3.27
N VAL A 178 3.77 -12.68 -3.96
CA VAL A 178 4.54 -12.02 -4.97
C VAL A 178 3.74 -11.64 -6.18
N GLU A 179 2.48 -12.08 -6.30
CA GLU A 179 1.68 -11.63 -7.45
C GLU A 179 1.46 -10.10 -7.31
N THR A 180 1.78 -9.55 -6.12
CA THR A 180 1.59 -8.11 -5.88
C THR A 180 2.76 -7.17 -6.16
N LEU A 181 3.93 -7.70 -6.51
CA LEU A 181 5.10 -6.85 -6.77
C LEU A 181 5.05 -6.14 -8.13
N GLY A 182 5.68 -4.99 -8.20
CA GLY A 182 5.71 -4.24 -9.44
C GLY A 182 6.53 -3.00 -9.18
N GLU A 183 6.79 -2.22 -10.21
CA GLU A 183 7.59 -1.01 -10.06
C GLU A 183 6.93 0.07 -9.17
N SER A 184 5.59 0.08 -9.11
CA SER A 184 4.79 1.04 -8.29
C SER A 184 3.41 0.40 -8.30
N VAL A 185 2.93 0.04 -7.12
CA VAL A 185 1.68 -0.67 -6.90
C VAL A 185 0.67 0.13 -6.10
N ALA A 186 -0.53 0.28 -6.64
CA ALA A 186 -1.59 1.02 -5.97
C ALA A 186 -2.70 0.07 -5.57
N GLN A 187 -3.55 0.52 -4.67
CA GLN A 187 -4.62 -0.31 -4.14
C GLN A 187 -6.00 0.32 -4.47
N LEU A 188 -6.86 -0.48 -5.09
CA LEU A 188 -8.20 0.01 -5.44
C LEU A 188 -8.98 0.18 -4.16
N GLN A 189 -9.37 1.42 -3.89
CA GLN A 189 -10.13 1.69 -2.70
C GLN A 189 -11.41 0.88 -2.85
N ALA A 190 -11.66 0.08 -1.83
CA ALA A 190 -12.81 -0.82 -1.73
C ALA A 190 -14.20 -0.23 -2.05
N TRP A 191 -14.49 0.95 -1.50
CA TRP A 191 -15.80 1.60 -1.67
C TRP A 191 -16.03 2.38 -2.97
N TRP A 192 -15.03 2.49 -3.84
CA TRP A 192 -15.23 3.28 -5.07
C TRP A 192 -14.74 2.67 -6.37
N TYR A 193 -14.23 1.43 -6.32
CA TYR A 193 -13.71 0.78 -7.52
C TYR A 193 -14.78 0.52 -8.53
N LYS A 194 -16.00 0.33 -8.03
CA LYS A 194 -17.14 0.06 -8.87
C LYS A 194 -17.75 1.39 -9.34
N ALA A 195 -17.41 2.45 -8.62
CA ALA A 195 -17.91 3.80 -8.90
C ALA A 195 -17.32 4.50 -10.13
N ASP A 196 -17.83 5.71 -10.38
CA ASP A 196 -17.40 6.55 -11.48
C ASP A 196 -16.47 7.61 -10.90
N PRO A 197 -15.60 8.19 -11.72
CA PRO A 197 -14.65 9.23 -11.30
C PRO A 197 -15.17 10.54 -10.69
N ASN A 198 -16.27 11.10 -11.18
CA ASN A 198 -16.68 12.35 -10.55
C ASN A 198 -17.30 12.20 -9.19
N ASP A 199 -17.52 10.95 -8.80
CA ASP A 199 -18.07 10.62 -7.48
C ASP A 199 -16.89 10.52 -6.51
N PHE A 200 -15.70 10.22 -7.05
CA PHE A 200 -14.50 10.09 -6.23
C PHE A 200 -14.28 11.30 -5.37
N THR A 201 -13.99 11.01 -4.11
CA THR A 201 -13.72 12.03 -3.14
C THR A 201 -12.33 12.57 -3.35
N TYR A 202 -11.96 12.92 -4.58
CA TYR A 202 -10.64 13.49 -4.80
C TYR A 202 -10.69 14.87 -4.15
N GLU A 203 -9.57 15.56 -4.08
CA GLU A 203 -9.56 16.91 -3.55
C GLU A 203 -10.04 17.71 -4.77
N ARG A 204 -10.97 18.65 -4.58
CA ARG A 204 -11.50 19.43 -5.70
C ARG A 204 -11.19 20.91 -5.62
N ARG A 205 -10.64 21.34 -4.49
CA ARG A 205 -10.29 22.75 -4.33
C ARG A 205 -8.99 23.05 -5.07
N LYS A 206 -9.10 23.72 -6.20
CA LYS A 206 -7.92 24.05 -6.97
C LYS A 206 -6.80 24.69 -6.14
N GLU A 207 -7.05 24.97 -4.86
CA GLU A 207 -6.02 25.54 -4.00
C GLU A 207 -5.08 24.46 -3.41
N SER A 208 -5.47 23.20 -3.58
CA SER A 208 -4.69 22.08 -3.08
C SER A 208 -3.76 21.47 -4.15
N ALA A 209 -2.55 21.09 -3.75
CA ALA A 209 -1.64 20.46 -4.69
C ALA A 209 -2.24 19.14 -5.10
N ALA A 210 -3.18 18.64 -4.30
CA ALA A 210 -3.87 17.37 -4.50
C ALA A 210 -5.05 17.44 -5.44
N TYR A 211 -5.26 18.62 -6.01
CA TYR A 211 -6.39 18.89 -6.89
C TYR A 211 -6.51 18.06 -8.16
N ILE A 212 -7.71 17.53 -8.36
CA ILE A 212 -7.99 16.74 -9.54
C ILE A 212 -9.30 17.28 -10.16
N PRO A 213 -9.19 17.94 -11.34
CA PRO A 213 -10.34 18.49 -12.04
C PRO A 213 -11.50 17.51 -12.07
N PHE A 214 -12.68 18.01 -12.43
CA PHE A 214 -13.84 17.14 -12.50
C PHE A 214 -13.90 16.28 -13.74
N GLY A 215 -12.97 16.51 -14.66
CA GLY A 215 -12.94 15.68 -15.85
C GLY A 215 -11.96 14.52 -15.67
N GLU A 216 -10.80 14.82 -15.09
CA GLU A 216 -9.71 13.87 -14.87
C GLU A 216 -9.93 12.71 -13.86
N GLY A 217 -8.90 11.87 -13.72
CA GLY A 217 -8.95 10.75 -12.80
C GLY A 217 -9.19 9.38 -13.40
N ASP A 218 -8.40 8.36 -13.01
CA ASP A 218 -8.56 6.98 -13.52
C ASP A 218 -9.26 6.11 -12.48
N PHE A 219 -8.81 6.22 -11.24
CA PHE A 219 -9.38 5.45 -10.14
C PHE A 219 -9.16 6.18 -8.85
N TYR A 220 -9.79 5.66 -7.80
CA TYR A 220 -9.56 6.19 -6.49
C TYR A 220 -8.77 5.11 -5.73
N TYR A 221 -7.51 5.42 -5.47
CA TYR A 221 -6.65 4.47 -4.77
C TYR A 221 -6.65 4.59 -3.26
N HIS A 222 -6.63 3.46 -2.60
CA HIS A 222 -6.60 3.43 -1.16
C HIS A 222 -5.17 3.74 -0.64
N ALA A 223 -5.02 4.64 0.33
CA ALA A 223 -3.66 4.92 0.79
C ALA A 223 -3.17 3.98 1.91
N ALA A 224 -4.00 3.02 2.31
CA ALA A 224 -3.60 2.09 3.34
C ALA A 224 -2.58 1.09 2.80
N ILE A 225 -2.38 1.05 1.49
CA ILE A 225 -1.46 0.13 0.88
C ILE A 225 -0.89 0.66 -0.41
N PHE A 226 0.40 0.98 -0.44
CA PHE A 226 1.00 1.35 -1.71
C PHE A 226 2.39 0.75 -1.66
N GLY A 227 2.98 0.53 -2.82
CA GLY A 227 4.31 -0.05 -2.80
C GLY A 227 4.99 0.14 -4.13
N GLY A 228 6.10 -0.56 -4.30
CA GLY A 228 6.85 -0.48 -5.54
C GLY A 228 8.30 -0.71 -5.19
N THR A 229 9.19 -0.27 -6.06
CA THR A 229 10.59 -0.44 -5.74
C THR A 229 10.96 0.74 -4.87
N PRO A 230 11.99 0.57 -4.05
CA PRO A 230 12.40 1.68 -3.18
C PRO A 230 12.52 3.00 -3.92
N THR A 231 13.05 2.94 -5.13
CA THR A 231 13.23 4.16 -5.92
C THR A 231 11.87 4.75 -6.31
N GLN A 232 10.92 3.92 -6.74
CA GLN A 232 9.59 4.44 -7.03
C GLN A 232 8.94 4.94 -5.74
N VAL A 233 8.98 4.15 -4.68
CA VAL A 233 8.35 4.58 -3.44
C VAL A 233 8.95 5.86 -2.90
N LEU A 234 10.24 6.06 -3.11
CA LEU A 234 10.86 7.28 -2.64
C LEU A 234 10.33 8.44 -3.44
N ASN A 235 9.95 8.20 -4.69
CA ASN A 235 9.46 9.28 -5.51
C ASN A 235 8.01 9.64 -5.16
N ILE A 236 7.21 8.61 -4.94
CA ILE A 236 5.82 8.75 -4.51
C ILE A 236 5.90 9.58 -3.23
N THR A 237 6.54 9.03 -2.21
CA THR A 237 6.62 9.72 -0.92
C THR A 237 7.19 11.11 -0.95
N GLN A 238 8.14 11.40 -1.82
CA GLN A 238 8.72 12.75 -1.86
C GLN A 238 7.73 13.76 -2.45
N GLU A 239 7.12 13.36 -3.55
CA GLU A 239 6.13 14.18 -4.22
C GLU A 239 4.96 14.44 -3.28
N CYS A 240 4.54 13.42 -2.56
CA CYS A 240 3.43 13.61 -1.65
C CYS A 240 3.75 14.53 -0.50
N PHE A 241 4.98 14.54 -0.03
CA PHE A 241 5.24 15.37 1.11
C PHE A 241 5.36 16.81 0.67
N LYS A 242 5.91 17.01 -0.51
CA LYS A 242 6.06 18.35 -1.08
C LYS A 242 4.64 18.93 -1.19
N GLY A 243 3.71 18.09 -1.62
CA GLY A 243 2.32 18.50 -1.76
C GLY A 243 1.77 18.85 -0.39
N ILE A 244 1.98 17.97 0.55
CA ILE A 244 1.52 18.21 1.90
C ILE A 244 2.07 19.54 2.40
N LEU A 245 3.33 19.85 2.10
CA LEU A 245 3.94 21.10 2.55
C LEU A 245 3.47 22.33 1.78
N LYS A 246 3.31 22.18 0.47
CA LYS A 246 2.83 23.26 -0.37
C LYS A 246 1.47 23.69 0.23
N ASP A 247 0.56 22.72 0.36
CA ASP A 247 -0.76 22.98 0.91
C ASP A 247 -0.67 23.63 2.27
N LYS A 248 0.30 23.23 3.08
CA LYS A 248 0.43 23.81 4.41
C LYS A 248 0.82 25.28 4.37
N LYS A 249 1.86 25.63 3.63
CA LYS A 249 2.25 27.04 3.55
C LYS A 249 1.06 27.89 3.03
N ASN A 250 0.12 27.21 2.37
CA ASN A 250 -1.07 27.85 1.81
C ASN A 250 -2.26 27.76 2.71
N ASP A 251 -2.05 27.40 3.97
CA ASP A 251 -3.14 27.29 4.93
C ASP A 251 -4.36 26.55 4.43
N ILE A 252 -4.10 25.37 3.87
CA ILE A 252 -5.15 24.48 3.37
C ILE A 252 -4.74 23.02 3.66
N GLU A 253 -5.72 22.14 3.78
CA GLU A 253 -5.49 20.75 4.09
C GLU A 253 -6.37 19.88 3.21
N ALA A 254 -5.77 19.11 2.30
CA ALA A 254 -6.51 18.21 1.40
C ALA A 254 -7.53 17.44 2.22
N GLN A 255 -8.71 17.19 1.66
CA GLN A 255 -9.73 16.55 2.49
C GLN A 255 -9.34 15.22 3.08
N TRP A 256 -8.77 14.33 2.29
CA TRP A 256 -8.38 13.05 2.85
C TRP A 256 -6.87 12.97 3.03
N HIS A 257 -6.31 14.14 3.28
CA HIS A 257 -4.89 14.28 3.57
C HIS A 257 -3.94 13.58 2.58
N ASP A 258 -3.01 12.80 3.12
CA ASP A 258 -2.03 12.10 2.28
C ASP A 258 -2.68 11.24 1.19
N GLU A 259 -3.83 10.61 1.48
CA GLU A 259 -4.51 9.81 0.47
C GLU A 259 -4.97 10.65 -0.72
N SER A 260 -5.20 11.94 -0.51
CA SER A 260 -5.64 12.76 -1.63
C SER A 260 -4.40 13.06 -2.46
N HIS A 261 -3.27 13.26 -1.80
CA HIS A 261 -2.05 13.54 -2.52
C HIS A 261 -1.56 12.34 -3.32
N LEU A 262 -1.78 11.17 -2.75
CA LEU A 262 -1.38 9.94 -3.40
C LEU A 262 -2.23 9.85 -4.66
N ASN A 263 -3.56 10.00 -4.51
CA ASN A 263 -4.44 9.93 -5.67
C ASN A 263 -4.00 10.96 -6.70
N LYS A 264 -3.64 12.15 -6.25
CA LYS A 264 -3.14 13.14 -7.19
C LYS A 264 -1.98 12.49 -7.94
N TYR A 265 -0.96 12.08 -7.19
CA TYR A 265 0.28 11.45 -7.69
C TYR A 265 0.11 10.27 -8.67
N PHE A 266 -0.78 9.36 -8.29
CA PHE A 266 -1.05 8.18 -9.08
C PHE A 266 -1.79 8.50 -10.37
N LEU A 267 -2.16 9.77 -10.49
CA LEU A 267 -2.89 10.27 -11.65
C LEU A 267 -1.84 10.77 -12.62
N LEU A 268 -0.87 11.51 -12.09
CA LEU A 268 0.20 12.03 -12.94
C LEU A 268 1.22 10.95 -13.32
N ASN A 269 1.20 9.85 -12.58
CA ASN A 269 2.15 8.76 -12.75
C ASN A 269 1.40 7.46 -12.52
N LYS A 270 0.75 6.96 -13.56
CA LYS A 270 -0.01 5.74 -13.40
C LYS A 270 0.82 4.62 -12.78
N PRO A 271 0.19 3.82 -11.93
CA PRO A 271 0.87 2.70 -11.28
C PRO A 271 1.07 1.58 -12.29
N THR A 272 2.13 0.78 -12.14
CA THR A 272 2.37 -0.32 -13.08
C THR A 272 1.52 -1.53 -12.73
N LYS A 273 0.98 -1.55 -11.53
CA LYS A 273 0.14 -2.66 -11.15
C LYS A 273 -0.91 -2.12 -10.18
N ILE A 274 -2.11 -2.67 -10.21
CA ILE A 274 -3.15 -2.21 -9.31
C ILE A 274 -3.70 -3.46 -8.69
N LEU A 275 -4.02 -3.43 -7.40
CA LEU A 275 -4.56 -4.60 -6.70
C LEU A 275 -6.08 -4.47 -6.39
N SER A 276 -6.84 -5.51 -6.72
CA SER A 276 -8.27 -5.52 -6.50
C SER A 276 -8.62 -5.29 -5.05
N PRO A 277 -9.85 -4.85 -4.79
CA PRO A 277 -10.26 -4.61 -3.41
C PRO A 277 -10.14 -5.86 -2.56
N GLU A 278 -9.84 -6.99 -3.18
CA GLU A 278 -9.70 -8.25 -2.45
C GLU A 278 -8.46 -8.22 -1.55
N TYR A 279 -7.55 -7.30 -1.86
CA TYR A 279 -6.31 -7.15 -1.11
C TYR A 279 -6.43 -6.26 0.12
N CYS A 280 -7.46 -5.39 0.15
CA CYS A 280 -7.70 -4.50 1.28
C CYS A 280 -9.22 -4.30 1.35
N TRP A 281 -9.88 -5.31 1.88
CA TRP A 281 -11.33 -5.34 1.96
C TRP A 281 -11.95 -4.84 3.26
N ASP A 282 -13.04 -4.06 3.13
CA ASP A 282 -13.81 -3.55 4.29
C ASP A 282 -15.01 -4.47 4.38
N TYR A 283 -15.04 -5.29 5.42
CA TYR A 283 -16.15 -6.23 5.59
C TYR A 283 -17.45 -5.53 5.96
N HIS A 284 -17.40 -4.21 6.07
CA HIS A 284 -18.61 -3.45 6.37
C HIS A 284 -19.30 -3.19 5.04
N ILE A 285 -18.64 -3.58 3.95
CA ILE A 285 -19.22 -3.42 2.62
C ILE A 285 -19.85 -4.77 2.28
N GLY A 286 -19.89 -5.65 3.28
CA GLY A 286 -20.43 -6.98 3.06
C GLY A 286 -19.42 -7.84 2.30
N LEU A 287 -19.93 -8.73 1.46
CA LEU A 287 -19.06 -9.60 0.70
C LEU A 287 -19.60 -9.79 -0.71
N PRO A 288 -19.38 -8.80 -1.60
CA PRO A 288 -19.82 -8.87 -2.98
C PRO A 288 -19.36 -10.14 -3.68
N ALA A 289 -20.01 -10.47 -4.79
CA ALA A 289 -19.67 -11.67 -5.53
C ALA A 289 -18.41 -11.49 -6.36
N ASP A 290 -17.98 -10.24 -6.53
CA ASP A 290 -16.78 -9.96 -7.32
C ASP A 290 -15.47 -9.95 -6.49
N ILE A 291 -15.59 -10.31 -5.21
CA ILE A 291 -14.44 -10.41 -4.32
C ILE A 291 -14.31 -11.91 -3.95
N LYS A 292 -13.65 -12.67 -4.83
CA LYS A 292 -13.47 -14.11 -4.65
C LYS A 292 -12.76 -14.59 -3.36
N LEU A 293 -11.66 -13.95 -2.98
CA LEU A 293 -10.93 -14.31 -1.76
C LEU A 293 -10.26 -13.06 -1.19
N VAL A 294 -10.48 -12.82 0.10
CA VAL A 294 -9.90 -11.64 0.78
C VAL A 294 -8.50 -11.92 1.35
N LYS A 295 -7.52 -11.18 0.84
CA LYS A 295 -6.13 -11.30 1.30
C LYS A 295 -5.89 -10.45 2.56
N MET A 296 -6.51 -9.28 2.58
CA MET A 296 -6.34 -8.37 3.72
C MET A 296 -7.57 -7.50 3.96
N SER A 297 -8.02 -7.45 5.21
CA SER A 297 -9.18 -6.66 5.57
C SER A 297 -8.88 -5.55 6.57
N TRP A 298 -9.75 -4.54 6.65
CA TRP A 298 -9.54 -3.44 7.57
C TRP A 298 -9.84 -3.93 8.99
N GLN A 299 -9.22 -3.29 9.98
CA GLN A 299 -9.38 -3.71 11.36
C GLN A 299 -10.60 -3.14 12.06
N THR A 300 -11.14 -4.01 12.94
CA THR A 300 -12.32 -3.80 13.79
C THR A 300 -12.34 -2.48 14.60
C1 GAL B . -9.76 7.26 1.60
C2 GAL B . -9.46 6.60 2.97
C3 GAL B . -10.68 6.27 3.85
C4 GAL B . -11.80 7.30 3.73
C5 GAL B . -12.04 7.50 2.25
C6 GAL B . -13.27 8.32 1.91
O2 GAL B . -8.78 5.39 2.73
O3 GAL B . -10.27 6.22 5.20
O4 GAL B . -11.36 8.52 4.33
O5 GAL B . -10.90 8.13 1.68
O6 GAL B . -13.91 7.80 0.76
MN MN C . -6.38 2.69 8.39
HG HG D . -5.80 7.99 13.64
N1 UPG E . -1.96 6.27 13.21
C2 UPG E . -1.22 6.33 14.37
N3 UPG E . -1.86 6.91 15.45
C4 UPG E . -3.16 7.39 15.48
C5 UPG E . -3.83 7.26 14.22
C6 UPG E . -3.24 6.74 13.17
O2 UPG E . -0.07 5.93 14.45
O4 UPG E . -3.61 7.87 16.51
C1C UPG E . -1.63 5.90 11.88
C2C UPG E . -2.10 4.47 11.68
O2C UPG E . -1.30 3.52 12.39
C3C UPG E . -2.02 4.29 10.16
C4C UPG E . -2.31 5.69 9.67
O4C UPG E . -1.99 6.61 10.76
O3C UPG E . -0.73 3.88 9.69
C5C UPG E . -3.73 5.92 9.25
O5C UPG E . -4.62 5.52 10.32
PA UPG E . -6.18 5.91 10.27
O1A UPG E . -6.43 7.33 9.99
O2A UPG E . -6.86 5.41 11.47
O3A UPG E . -6.70 5.15 8.91
PB UPG E . -7.88 5.80 7.93
O1B UPG E . -8.62 7.11 8.06
O2B UPG E . -8.82 4.71 7.46
O3B UPG E . -6.75 6.12 6.90
C1' UPG E . -6.97 6.46 5.51
C2' UPG E . -5.77 5.87 4.66
C3' UPG E . -4.44 6.38 5.32
C4' UPG E . -4.40 7.94 5.41
C5' UPG E . -5.73 8.53 6.00
C6' UPG E . -5.96 10.03 5.77
O2' UPG E . -5.79 4.42 4.69
O3' UPG E . -3.24 5.94 4.58
O4' UPG E . -4.22 8.51 4.10
O5' UPG E . -6.91 7.88 5.44
O6' UPG E . -7.25 10.41 6.38
#